data_5OCZ
#
_entry.id   5OCZ
#
_entity_poly.entity_id   1
_entity_poly.type   'polydeoxyribonucleotide'
_entity_poly.pdbx_seq_one_letter_code
;(DCZ)(DG)(DA)(DT)(DG)(DT)(DA)(DC)(DA)(DT)(DC)(DG)
;
_entity_poly.pdbx_strand_id   A,B
#